data_3TVJ
#
_entry.id   3TVJ
#
_cell.length_a   50.916
_cell.length_b   62.471
_cell.length_c   114.189
_cell.angle_alpha   90.00
_cell.angle_beta   90.00
_cell.angle_gamma   90.00
#
_symmetry.space_group_name_H-M   'P 21 21 21'
#
loop_
_entity.id
_entity.type
_entity.pdbx_description
1 polymer 'Mannan-binding lectin serine protease 2 A chain'
2 polymer 'Mannan-binding lectin serine protease 2 B chain'
3 polymer 'Protease inhibitor SGPI-2'
4 non-polymer 'SULFATE ION'
5 water water
#
loop_
_entity_poly.entity_id
_entity_poly.type
_entity_poly.pdbx_seq_one_letter_code
_entity_poly.pdbx_strand_id
1 'polypeptide(L)'
;ASMTIVDCGPPDDLPSGRVEYITGPGVTTYKAVIQYSCEETFYTMKVNDGKYVCDADGFWTSSKGEKSLPVCEPVCGLSA
RTTGGR
;
A
2 'polypeptide(L)'
;IYGGQKAKPGDFPWQVLILGGTTAAGALLYDNWVLTAAHAVYEQKHDASALDIRMGTLKRLSPHYTQAWSEAVFIHEGYT
HDAGFDNDIALIKLNNKVVINSNITPICLPRKEAESFMRTDDIGTASGWGLTQRGFLARNLMYVDIPIVDHQKCTAAYEK
PPYPRGSVTANMLCAGLESGGKDSCRGDSGGALVFLDSETERWFVGGIVSWGSMNCGEAGQYGVYTKVINYIPWIENIIS
DF
;
B
3 'polypeptide(L)' GSGEVTCEPGTTFKDKCNTCRCGSDGKSAVCTKLWCNQ I
#
loop_
_chem_comp.id
_chem_comp.type
_chem_comp.name
_chem_comp.formula
SO4 non-polymer 'SULFATE ION' 'O4 S -2'
#
# COMPACT_ATOMS: atom_id res chain seq x y z
N THR A 4 -42.83 31.68 -0.54
CA THR A 4 -43.89 31.44 -1.58
C THR A 4 -43.70 30.09 -2.30
N ILE A 5 -42.45 29.59 -2.47
CA ILE A 5 -42.22 28.24 -3.05
C ILE A 5 -41.15 27.49 -2.33
N VAL A 6 -41.10 26.18 -2.56
CA VAL A 6 -40.11 25.36 -1.90
C VAL A 6 -38.69 25.87 -2.35
N ASP A 7 -37.77 26.01 -1.39
CA ASP A 7 -36.39 26.48 -1.67
C ASP A 7 -35.42 25.49 -1.05
N CYS A 8 -34.57 24.86 -1.89
CA CYS A 8 -33.52 23.97 -1.41
C CYS A 8 -32.26 24.68 -0.96
N GLY A 9 -32.10 25.97 -1.22
CA GLY A 9 -31.00 26.77 -0.77
C GLY A 9 -29.78 26.52 -1.65
N PRO A 10 -28.69 27.33 -1.44
CA PRO A 10 -27.48 27.06 -2.23
C PRO A 10 -26.93 25.70 -1.92
N PRO A 11 -26.61 24.92 -2.96
CA PRO A 11 -26.07 23.57 -2.71
C PRO A 11 -24.65 23.57 -2.14
N ASP A 12 -24.34 22.51 -1.40
CA ASP A 12 -22.99 22.38 -0.85
C ASP A 12 -21.98 21.99 -1.90
N ASP A 13 -20.73 22.37 -1.63
CA ASP A 13 -19.69 22.02 -2.53
C ASP A 13 -19.30 20.55 -2.50
N LEU A 14 -18.69 20.14 -3.60
CA LEU A 14 -18.22 18.80 -3.84
C LEU A 14 -16.71 18.74 -3.71
N PRO A 15 -16.21 18.04 -2.68
CA PRO A 15 -14.72 17.97 -2.61
C PRO A 15 -14.14 17.32 -3.85
N SER A 16 -13.03 17.90 -4.31
CA SER A 16 -12.37 17.50 -5.56
C SER A 16 -13.23 17.64 -6.79
N GLY A 17 -14.22 18.52 -6.67
CA GLY A 17 -15.21 18.80 -7.70
C GLY A 17 -15.71 20.21 -7.73
N ARG A 18 -16.83 20.38 -8.44
CA ARG A 18 -17.42 21.68 -8.67
CA ARG A 18 -17.40 21.64 -8.84
C ARG A 18 -18.91 21.52 -8.93
N VAL A 19 -19.63 22.63 -8.75
CA VAL A 19 -21.08 22.66 -8.93
C VAL A 19 -21.42 23.90 -9.77
N GLU A 20 -22.35 23.71 -10.69
CA GLU A 20 -22.87 24.76 -11.59
C GLU A 20 -24.37 24.79 -11.46
N TYR A 21 -24.95 26.02 -11.47
CA TYR A 21 -26.41 26.22 -11.58
C TYR A 21 -26.76 26.11 -13.06
N ILE A 22 -27.65 25.17 -13.38
CA ILE A 22 -28.16 25.00 -14.72
C ILE A 22 -29.41 25.81 -15.04
N THR A 23 -30.39 25.84 -14.16
CA THR A 23 -31.60 26.61 -14.49
C THR A 23 -31.38 28.12 -14.63
N GLY A 24 -30.65 28.69 -13.71
CA GLY A 24 -30.22 30.05 -13.83
C GLY A 24 -29.37 30.41 -12.67
N PRO A 25 -28.69 31.57 -12.77
CA PRO A 25 -27.76 31.92 -11.72
C PRO A 25 -28.41 32.07 -10.33
N GLY A 26 -27.88 31.36 -9.32
CA GLY A 26 -28.37 31.43 -7.94
C GLY A 26 -29.80 30.90 -7.79
N VAL A 27 -30.34 30.18 -8.79
CA VAL A 27 -31.70 29.69 -8.70
C VAL A 27 -31.72 28.36 -7.92
N THR A 28 -32.34 28.38 -6.73
CA THR A 28 -32.24 27.28 -5.75
C THR A 28 -33.64 26.70 -5.37
N THR A 29 -34.67 27.15 -6.10
CA THR A 29 -36.02 26.82 -5.79
C THR A 29 -36.57 25.56 -6.50
N TYR A 30 -37.78 25.12 -6.08
CA TYR A 30 -38.42 23.96 -6.62
C TYR A 30 -38.23 23.75 -8.10
N LYS A 31 -37.73 22.55 -8.42
CA LYS A 31 -37.54 22.07 -9.77
C LYS A 31 -36.29 22.66 -10.46
N ALA A 32 -35.54 23.55 -9.78
CA ALA A 32 -34.28 24.02 -10.34
C ALA A 32 -33.30 22.88 -10.48
N VAL A 33 -32.26 23.07 -11.33
CA VAL A 33 -31.35 22.00 -11.66
C VAL A 33 -29.93 22.53 -11.45
N ILE A 34 -29.08 21.72 -10.80
CA ILE A 34 -27.65 21.91 -10.67
C ILE A 34 -26.92 20.72 -11.24
N GLN A 35 -25.63 20.93 -11.53
CA GLN A 35 -24.79 19.87 -12.08
C GLN A 35 -23.44 19.84 -11.33
N TYR A 36 -23.15 18.72 -10.72
CA TYR A 36 -21.89 18.49 -10.10
C TYR A 36 -20.96 17.80 -11.11
N SER A 37 -19.66 18.06 -10.97
CA SER A 37 -18.62 17.41 -11.74
C SER A 37 -17.37 17.26 -10.89
N CYS A 38 -16.58 16.28 -11.17
CA CYS A 38 -15.31 16.05 -10.49
C CYS A 38 -14.19 16.63 -11.33
N GLU A 39 -13.07 16.90 -10.64
CA GLU A 39 -11.89 17.41 -11.30
C GLU A 39 -11.51 16.36 -12.33
N GLU A 40 -11.16 16.82 -13.53
N GLU A 40 -11.17 16.79 -13.54
CA GLU A 40 -10.91 15.95 -14.68
CA GLU A 40 -10.99 15.85 -14.63
C GLU A 40 -9.62 15.12 -14.56
C GLU A 40 -9.64 15.12 -14.57
N THR A 41 -9.63 13.94 -15.17
CA THR A 41 -8.44 13.11 -15.38
C THR A 41 -8.07 12.32 -14.15
N PHE A 42 -7.88 13.04 -13.04
CA PHE A 42 -7.28 12.44 -11.83
C PHE A 42 -8.33 11.89 -10.88
N TYR A 43 -9.60 12.22 -11.11
CA TYR A 43 -10.74 11.73 -10.33
C TYR A 43 -11.83 11.27 -11.25
N THR A 44 -12.67 10.33 -10.76
CA THR A 44 -13.92 9.99 -11.47
C THR A 44 -15.05 10.06 -10.44
N MET A 45 -16.20 10.48 -10.93
CA MET A 45 -17.37 10.55 -10.11
C MET A 45 -17.97 9.18 -10.01
N LYS A 46 -18.32 8.74 -8.82
N LYS A 46 -18.18 8.80 -8.77
CA LYS A 46 -18.83 7.34 -8.66
CA LYS A 46 -18.95 7.64 -8.54
C LYS A 46 -20.36 6.93 -8.65
C LYS A 46 -20.40 8.00 -8.12
N VAL A 47 -21.10 7.54 -7.74
N VAL A 47 -21.22 6.97 -7.98
CA VAL A 47 -22.50 7.15 -7.35
CA VAL A 47 -22.58 7.05 -7.40
C VAL A 47 -23.55 7.47 -8.44
C VAL A 47 -23.61 7.48 -8.45
N ASN A 48 -23.40 8.63 -9.09
CA ASN A 48 -24.38 9.12 -10.08
C ASN A 48 -23.80 10.10 -11.14
N ASP A 49 -24.68 10.66 -11.97
CA ASP A 49 -24.24 11.54 -13.10
C ASP A 49 -24.10 13.00 -12.69
N GLY A 50 -24.37 13.22 -11.43
CA GLY A 50 -24.18 14.52 -10.80
C GLY A 50 -25.27 15.57 -11.11
N LYS A 51 -26.37 15.19 -11.79
CA LYS A 51 -27.47 16.16 -12.01
C LYS A 51 -28.43 16.07 -10.83
N TYR A 52 -28.63 17.18 -10.13
CA TYR A 52 -29.47 17.19 -8.98
C TYR A 52 -30.62 18.20 -9.21
N VAL A 53 -31.78 17.92 -8.64
CA VAL A 53 -32.96 18.74 -8.82
C VAL A 53 -33.44 19.12 -7.43
N CYS A 54 -33.96 20.33 -7.32
CA CYS A 54 -34.54 20.78 -6.04
C CYS A 54 -35.96 20.11 -5.93
N ASP A 55 -36.09 19.11 -5.10
CA ASP A 55 -37.25 18.24 -5.01
C ASP A 55 -38.34 18.91 -4.20
N ALA A 56 -39.56 18.44 -4.36
CA ALA A 56 -40.71 18.88 -3.57
C ALA A 56 -40.53 18.78 -2.06
N ASP A 57 -39.65 17.87 -1.61
CA ASP A 57 -39.37 17.68 -0.21
C ASP A 57 -38.32 18.68 0.30
N GLY A 58 -37.81 19.54 -0.59
CA GLY A 58 -36.90 20.60 -0.21
C GLY A 58 -35.42 20.21 -0.16
N PHE A 59 -35.11 19.03 -0.73
CA PHE A 59 -33.73 18.56 -0.81
C PHE A 59 -33.26 18.49 -2.24
N TRP A 60 -31.98 18.90 -2.46
CA TRP A 60 -31.34 18.63 -3.73
C TRP A 60 -31.22 17.10 -3.83
N THR A 61 -31.71 16.57 -4.93
CA THR A 61 -31.92 15.11 -5.07
C THR A 61 -31.42 14.63 -6.42
N SER A 62 -30.57 13.60 -6.37
CA SER A 62 -29.95 13.04 -7.60
C SER A 62 -31.07 12.40 -8.49
N SER A 63 -30.63 11.96 -9.65
CA SER A 63 -31.52 11.33 -10.62
C SER A 63 -31.97 9.94 -10.13
N LYS A 64 -31.28 9.38 -9.13
CA LYS A 64 -31.67 8.10 -8.51
C LYS A 64 -32.35 8.33 -7.14
N GLY A 65 -32.60 9.59 -6.79
CA GLY A 65 -33.32 9.88 -5.56
C GLY A 65 -32.45 9.98 -4.31
N GLU A 66 -31.16 10.13 -4.52
CA GLU A 66 -30.22 10.22 -3.42
C GLU A 66 -30.08 11.69 -2.97
N LYS A 67 -30.00 11.91 -1.68
CA LYS A 67 -29.75 13.21 -1.13
C LYS A 67 -28.22 13.46 -0.92
N SER A 68 -27.42 12.38 -0.91
CA SER A 68 -26.01 12.53 -0.65
CA SER A 68 -25.99 12.52 -0.64
C SER A 68 -25.32 13.11 -1.86
N LEU A 69 -24.20 13.79 -1.63
CA LEU A 69 -23.30 14.24 -2.72
C LEU A 69 -22.78 13.07 -3.51
N PRO A 70 -22.41 13.31 -4.78
CA PRO A 70 -21.53 12.38 -5.49
C PRO A 70 -20.20 12.25 -4.75
N VAL A 71 -19.43 11.25 -5.08
CA VAL A 71 -18.09 11.09 -4.56
C VAL A 71 -17.10 11.15 -5.70
N CYS A 72 -16.09 12.01 -5.55
CA CYS A 72 -14.99 12.09 -6.51
C CYS A 72 -13.86 11.16 -6.02
N GLU A 73 -13.70 10.03 -6.70
CA GLU A 73 -12.73 9.01 -6.32
C GLU A 73 -11.44 9.19 -7.11
N PRO A 74 -10.30 9.27 -6.44
CA PRO A 74 -9.05 9.36 -7.21
C PRO A 74 -8.82 8.14 -8.13
N VAL A 75 -8.35 8.40 -9.34
CA VAL A 75 -7.92 7.38 -10.30
C VAL A 75 -6.61 6.74 -9.79
N CYS A 76 -6.66 5.44 -9.60
CA CYS A 76 -5.44 4.78 -9.03
C CYS A 76 -4.44 4.32 -10.11
N GLY A 77 -3.21 4.14 -9.70
CA GLY A 77 -2.23 3.44 -10.49
C GLY A 77 -1.59 4.21 -11.60
N LEU A 78 -1.71 5.56 -11.54
CA LEU A 78 -1.02 6.46 -12.43
C LEU A 78 0.40 6.65 -11.93
N SER A 79 1.35 6.54 -12.83
CA SER A 79 2.74 6.69 -12.56
C SER A 79 3.46 7.38 -13.65
N ALA A 80 4.53 8.10 -13.31
CA ALA A 80 5.45 8.73 -14.26
C ALA A 80 6.46 7.77 -14.87
N ARG A 81 6.49 6.49 -14.44
CA ARG A 81 7.47 5.60 -14.94
C ARG A 81 7.17 5.32 -16.42
N THR A 82 8.24 5.26 -17.20
CA THR A 82 8.18 4.80 -18.56
C THR A 82 8.02 3.30 -18.60
N THR A 83 7.36 2.81 -19.65
CA THR A 83 7.01 1.38 -19.78
C THR A 83 7.34 0.92 -21.20
N GLY A 84 7.24 -0.37 -21.43
CA GLY A 84 7.39 -0.94 -22.79
C GLY A 84 8.83 -0.79 -23.31
N GLY A 85 9.79 -0.64 -22.40
CA GLY A 85 11.20 -0.54 -22.71
C GLY A 85 11.68 0.83 -23.10
N ARG A 86 10.82 1.84 -23.04
CA ARG A 86 11.21 3.21 -23.31
C ARG A 86 11.72 3.88 -22.03
N ILE B 1 16.42 -1.09 -0.05
CA ILE B 1 16.46 -1.84 -1.34
C ILE B 1 17.92 -2.12 -1.74
N TYR B 2 18.19 -3.34 -2.16
CA TYR B 2 19.49 -3.72 -2.68
C TYR B 2 19.44 -3.79 -4.19
N GLY B 3 20.48 -3.25 -4.85
CA GLY B 3 20.62 -3.39 -6.25
C GLY B 3 19.71 -2.57 -7.18
N GLY B 4 19.14 -1.53 -6.57
CA GLY B 4 18.22 -0.68 -7.20
C GLY B 4 18.82 0.65 -7.67
N GLN B 5 17.89 1.53 -8.00
CA GLN B 5 18.23 2.88 -8.39
CA GLN B 5 18.18 2.87 -8.48
C GLN B 5 17.20 3.86 -7.89
N LYS B 6 17.54 5.14 -7.99
CA LYS B 6 16.69 6.16 -7.44
C LYS B 6 15.40 6.31 -8.18
N ALA B 7 14.30 6.39 -7.43
CA ALA B 7 13.01 6.77 -7.96
C ALA B 7 13.05 8.21 -8.48
N LYS B 8 12.26 8.47 -9.51
CA LYS B 8 12.05 9.84 -9.93
C LYS B 8 10.71 10.36 -9.44
N PRO B 9 10.49 11.68 -9.50
CA PRO B 9 9.23 12.17 -9.02
C PRO B 9 8.04 11.51 -9.80
N GLY B 10 7.03 11.14 -9.05
CA GLY B 10 5.84 10.59 -9.69
C GLY B 10 5.99 9.10 -10.06
N ASP B 11 7.14 8.45 -9.83
CA ASP B 11 7.23 7.03 -10.19
C ASP B 11 6.40 6.13 -9.28
N PHE B 12 6.45 6.39 -7.97
CA PHE B 12 5.74 5.59 -6.94
C PHE B 12 4.93 6.50 -6.03
N PRO B 13 3.91 7.15 -6.59
CA PRO B 13 3.17 8.21 -5.82
C PRO B 13 2.31 7.64 -4.70
N TRP B 14 2.18 6.34 -4.61
CA TRP B 14 1.51 5.61 -3.54
C TRP B 14 2.43 5.41 -2.32
N GLN B 15 3.73 5.54 -2.54
CA GLN B 15 4.67 5.18 -1.46
C GLN B 15 4.53 6.13 -0.27
N VAL B 16 4.38 5.57 0.92
CA VAL B 16 4.34 6.37 2.16
C VAL B 16 5.37 5.84 3.14
N LEU B 17 5.90 6.80 3.87
CA LEU B 17 6.84 6.49 4.94
C LEU B 17 6.08 6.46 6.26
N ILE B 18 6.32 5.42 7.06
CA ILE B 18 5.68 5.32 8.40
C ILE B 18 6.78 5.33 9.41
N LEU B 19 6.85 6.42 10.17
CA LEU B 19 8.06 6.68 10.98
C LEU B 19 7.68 6.67 12.50
N GLY B 20 8.37 5.84 13.25
CA GLY B 20 8.16 5.80 14.74
C GLY B 20 9.44 5.32 15.36
N GLY B 21 9.29 4.31 16.22
CA GLY B 21 10.43 3.53 16.68
C GLY B 21 11.18 2.76 15.63
N THR B 22 10.46 2.53 14.52
CA THR B 22 10.99 1.94 13.32
C THR B 22 10.83 2.84 12.13
N THR B 23 11.59 2.47 11.11
CA THR B 23 11.40 3.00 9.83
C THR B 23 10.79 1.88 8.93
N ALA B 24 9.60 2.19 8.38
CA ALA B 24 8.85 1.25 7.56
C ALA B 24 8.00 2.02 6.57
N ALA B 25 7.10 1.32 5.88
CA ALA B 25 6.41 1.89 4.70
C ALA B 25 4.98 1.35 4.57
N GLY B 26 4.25 1.95 3.64
CA GLY B 26 2.96 1.45 3.19
C GLY B 26 2.70 1.95 1.78
N ALA B 27 1.47 1.72 1.31
CA ALA B 27 1.00 2.20 0.03
C ALA B 27 -0.38 2.81 0.22
N LEU B 28 -0.56 4.01 -0.31
CA LEU B 28 -1.84 4.67 -0.33
C LEU B 28 -2.86 3.89 -1.19
N LEU B 29 -4.07 3.68 -0.63
N LEU B 29 -3.99 3.57 -0.57
CA LEU B 29 -5.34 3.29 -1.40
CA LEU B 29 -4.92 2.68 -1.23
C LEU B 29 -6.37 4.38 -1.26
C LEU B 29 -6.09 3.41 -1.75
N TYR B 30 -7.11 4.58 -2.37
N TYR B 30 -6.59 4.42 -1.01
CA TYR B 30 -8.05 5.71 -2.46
CA TYR B 30 -7.66 5.27 -1.58
C TYR B 30 -7.36 6.99 -2.01
C TYR B 30 -7.19 6.78 -1.57
N ASP B 31 -7.98 7.71 -1.11
N ASP B 31 -7.96 7.65 -0.98
CA ASP B 31 -7.38 8.90 -0.50
C ASP B 31 -7.33 8.92 1.03
N ASN B 32 -7.81 7.88 1.66
CA ASN B 32 -7.88 7.83 3.10
C ASN B 32 -7.53 6.47 3.73
N TRP B 33 -6.82 5.61 3.02
CA TRP B 33 -6.44 4.34 3.58
C TRP B 33 -4.97 4.04 3.16
N VAL B 34 -4.26 3.36 4.02
CA VAL B 34 -2.90 2.91 3.72
C VAL B 34 -2.87 1.38 3.94
N LEU B 35 -2.36 0.67 2.94
CA LEU B 35 -2.08 -0.76 3.01
C LEU B 35 -0.64 -0.97 3.47
N THR B 36 -0.43 -1.80 4.46
CA THR B 36 0.89 -2.15 4.96
C THR B 36 0.93 -3.60 5.48
N ALA B 37 2.07 -4.00 6.07
CA ALA B 37 2.23 -5.30 6.74
C ALA B 37 1.72 -5.18 8.14
N ALA B 38 1.04 -6.25 8.60
CA ALA B 38 0.69 -6.38 10.01
C ALA B 38 1.85 -6.25 10.99
N HIS B 39 3.02 -6.82 10.64
CA HIS B 39 4.12 -6.79 11.56
C HIS B 39 4.61 -5.34 11.77
N ALA B 40 4.31 -4.48 10.82
CA ALA B 40 4.83 -3.13 10.85
C ALA B 40 4.02 -2.26 11.76
N VAL B 41 2.79 -2.64 12.16
CA VAL B 41 1.88 -1.80 12.90
C VAL B 41 1.39 -2.48 14.16
N TYR B 42 1.77 -3.74 14.38
CA TYR B 42 1.43 -4.48 15.59
C TYR B 42 1.79 -3.79 16.90
N GLU B 43 3.09 -3.46 17.04
N GLU B 43 3.00 -3.29 17.05
CA GLU B 43 3.74 -2.97 18.30
CA GLU B 43 3.37 -2.74 18.36
C GLU B 43 3.13 -1.67 18.79
C GLU B 43 2.73 -1.34 18.63
N GLN B 44 2.52 -0.91 17.85
N GLN B 44 2.14 -0.69 17.61
CA GLN B 44 1.87 0.44 18.09
CA GLN B 44 1.49 0.65 17.82
C GLN B 44 0.39 0.50 18.64
C GLN B 44 0.23 0.55 18.65
N LYS B 45 -0.30 -0.66 18.79
CA LYS B 45 -1.68 -0.77 19.27
C LYS B 45 -1.87 -0.07 20.61
N HIS B 46 -0.88 -0.21 21.45
CA HIS B 46 -1.03 0.37 22.77
C HIS B 46 -0.26 1.65 22.95
N ASP B 47 0.23 2.24 21.86
CA ASP B 47 0.88 3.57 21.92
C ASP B 47 -0.14 4.70 22.02
N ALA B 48 0.26 5.76 22.74
CA ALA B 48 -0.49 6.99 22.79
C ALA B 48 -0.47 7.68 21.43
N SER B 49 0.65 7.60 20.72
CA SER B 49 0.84 8.30 19.47
C SER B 49 0.26 7.55 18.28
N ALA B 50 -0.50 8.26 17.44
CA ALA B 50 -0.92 7.77 16.16
C ALA B 50 0.28 7.49 15.31
N LEU B 51 0.06 6.68 14.26
CA LEU B 51 1.15 6.50 13.27
C LEU B 51 1.39 7.80 12.45
N ASP B 52 2.69 8.12 12.32
CA ASP B 52 3.20 9.31 11.62
C ASP B 52 3.45 8.88 10.18
N ILE B 53 2.53 9.25 9.29
CA ILE B 53 2.50 8.81 7.86
C ILE B 53 2.86 10.02 6.99
N ARG B 54 3.88 9.79 6.16
CA ARG B 54 4.48 10.84 5.37
C ARG B 54 4.40 10.49 3.88
N MET B 55 3.82 11.44 3.11
CA MET B 55 3.57 11.21 1.69
C MET B 55 4.20 12.31 0.84
N GLY B 56 4.40 11.99 -0.43
CA GLY B 56 4.70 12.96 -1.44
C GLY B 56 6.14 13.34 -1.67
N THR B 57 7.08 12.66 -1.00
CA THR B 57 8.49 13.02 -1.13
C THR B 57 9.32 11.84 -1.51
N LEU B 58 10.45 12.14 -2.19
CA LEU B 58 11.48 11.16 -2.48
C LEU B 58 12.55 11.06 -1.40
N LYS B 59 12.84 12.17 -0.76
CA LYS B 59 13.82 12.19 0.28
C LYS B 59 13.27 11.72 1.60
N ARG B 60 13.96 10.74 2.20
CA ARG B 60 13.48 10.18 3.46
C ARG B 60 13.32 11.19 4.58
N LEU B 61 14.24 12.13 4.57
CA LEU B 61 14.40 13.10 5.66
C LEU B 61 13.91 14.43 5.20
N SER B 62 13.11 14.43 4.12
CA SER B 62 12.43 15.63 3.72
C SER B 62 11.69 16.27 4.88
N PRO B 63 11.92 17.55 5.03
CA PRO B 63 11.12 18.35 5.85
C PRO B 63 9.73 18.68 5.20
N HIS B 64 9.61 18.55 3.80
N HIS B 64 9.45 18.38 3.91
CA HIS B 64 8.51 18.94 2.72
CA HIS B 64 8.37 19.00 3.15
C HIS B 64 7.27 17.96 2.47
C HIS B 64 7.33 17.99 2.52
N TYR B 65 7.08 17.03 3.35
CA TYR B 65 6.10 16.01 3.13
C TYR B 65 4.69 16.43 3.49
N THR B 66 3.75 15.63 2.98
CA THR B 66 2.37 15.73 3.36
C THR B 66 2.13 14.79 4.53
N GLN B 67 1.70 15.42 5.63
CA GLN B 67 1.46 14.70 6.86
C GLN B 67 0.10 14.03 6.90
N ALA B 68 0.06 12.78 7.27
CA ALA B 68 -1.15 12.05 7.65
C ALA B 68 -0.94 11.37 8.97
N TRP B 69 -2.06 10.95 9.56
CA TRP B 69 -2.10 10.30 10.86
C TRP B 69 -3.09 9.14 10.83
N SER B 70 -2.79 8.04 11.52
CA SER B 70 -3.76 6.99 11.65
C SER B 70 -4.92 7.51 12.49
N GLU B 71 -6.08 7.04 12.14
CA GLU B 71 -7.32 7.08 12.96
C GLU B 71 -7.68 5.72 13.55
N ALA B 72 -7.43 4.67 12.78
CA ALA B 72 -7.75 3.28 13.12
C ALA B 72 -6.77 2.38 12.36
N VAL B 73 -6.45 1.25 12.97
CA VAL B 73 -5.59 0.26 12.38
C VAL B 73 -6.32 -1.09 12.47
N PHE B 74 -6.35 -1.78 11.31
CA PHE B 74 -6.96 -3.10 11.20
C PHE B 74 -5.89 -4.12 10.79
N ILE B 75 -5.46 -4.94 11.74
CA ILE B 75 -4.53 -6.05 11.52
C ILE B 75 -5.39 -7.28 11.23
N HIS B 76 -5.02 -8.05 10.21
CA HIS B 76 -5.73 -9.23 9.85
C HIS B 76 -5.85 -10.16 11.05
N GLU B 77 -7.03 -10.67 11.30
CA GLU B 77 -7.27 -11.56 12.44
C GLU B 77 -6.43 -12.86 12.43
N GLY B 78 -6.03 -13.26 11.24
CA GLY B 78 -5.18 -14.45 11.08
C GLY B 78 -3.71 -14.25 11.27
N TYR B 79 -3.32 -13.00 11.48
CA TYR B 79 -1.95 -12.69 11.85
C TYR B 79 -1.72 -13.11 13.33
N THR B 80 -0.64 -13.88 13.54
CA THR B 80 -0.26 -14.35 14.85
C THR B 80 1.17 -13.89 15.07
N HIS B 81 1.36 -12.82 15.84
CA HIS B 81 2.70 -12.16 15.96
C HIS B 81 3.86 -13.08 16.42
N ASP B 82 3.48 -14.05 17.24
CA ASP B 82 4.44 -14.93 17.86
C ASP B 82 4.53 -16.33 17.20
N ALA B 83 3.92 -16.47 16.02
CA ALA B 83 3.87 -17.73 15.32
C ALA B 83 3.78 -17.47 13.86
N GLY B 84 4.94 -17.20 13.30
CA GLY B 84 5.17 -17.17 11.82
C GLY B 84 4.64 -15.92 11.14
N PHE B 85 4.72 -15.91 9.83
CA PHE B 85 4.54 -14.72 9.04
C PHE B 85 3.26 -14.69 8.17
N ASP B 86 2.40 -15.70 8.37
CA ASP B 86 1.15 -15.81 7.62
C ASP B 86 0.21 -14.63 7.93
N ASN B 87 -0.49 -14.24 6.89
CA ASN B 87 -1.55 -13.21 7.01
C ASN B 87 -0.94 -11.87 7.42
N ASP B 88 0.21 -11.51 6.82
CA ASP B 88 0.95 -10.31 7.20
C ASP B 88 0.40 -9.15 6.42
N ILE B 89 -0.76 -8.65 6.85
CA ILE B 89 -1.43 -7.54 6.15
C ILE B 89 -2.24 -6.71 7.15
N ALA B 90 -2.24 -5.40 6.93
CA ALA B 90 -2.97 -4.52 7.76
C ALA B 90 -3.43 -3.29 6.93
N LEU B 91 -4.58 -2.69 7.35
CA LEU B 91 -5.11 -1.48 6.74
C LEU B 91 -5.08 -0.36 7.81
N ILE B 92 -4.66 0.82 7.43
CA ILE B 92 -4.69 2.01 8.27
C ILE B 92 -5.70 2.95 7.65
N LYS B 93 -6.69 3.37 8.44
CA LYS B 93 -7.62 4.48 8.13
C LYS B 93 -6.97 5.77 8.57
N LEU B 94 -6.80 6.72 7.65
CA LEU B 94 -6.22 7.99 7.92
C LEU B 94 -7.34 8.87 8.52
N ASN B 95 -6.90 9.85 9.31
CA ASN B 95 -7.84 10.83 9.93
C ASN B 95 -8.53 11.72 8.96
N ASN B 96 -7.91 12.01 7.80
CA ASN B 96 -8.51 12.85 6.75
C ASN B 96 -8.12 12.30 5.40
N LYS B 97 -8.88 12.65 4.34
CA LYS B 97 -8.48 12.39 2.97
C LYS B 97 -7.32 13.26 2.60
N VAL B 98 -6.30 12.66 1.97
CA VAL B 98 -5.22 13.42 1.33
CA VAL B 98 -5.24 13.42 1.31
C VAL B 98 -5.69 13.92 -0.06
N VAL B 99 -5.21 15.09 -0.45
CA VAL B 99 -5.50 15.59 -1.83
C VAL B 99 -4.49 14.93 -2.76
N ILE B 100 -5.00 14.37 -3.81
CA ILE B 100 -4.12 13.74 -4.75
C ILE B 100 -3.36 14.78 -5.60
N ASN B 101 -2.12 14.39 -5.95
CA ASN B 101 -1.27 15.13 -6.88
C ASN B 101 -0.31 14.16 -7.59
N SER B 102 0.60 14.68 -8.42
CA SER B 102 1.51 13.78 -9.10
C SER B 102 2.37 12.93 -8.22
N ASN B 103 2.59 13.41 -6.96
CA ASN B 103 3.44 12.70 -6.01
C ASN B 103 2.66 11.90 -4.98
N ILE B 104 1.32 12.01 -5.02
CA ILE B 104 0.46 11.33 -4.06
C ILE B 104 -0.74 10.81 -4.80
N THR B 105 -0.74 9.51 -5.08
CA THR B 105 -1.78 8.90 -5.88
C THR B 105 -1.87 7.46 -5.41
N PRO B 106 -3.08 6.92 -5.22
CA PRO B 106 -3.15 5.55 -4.71
C PRO B 106 -2.74 4.49 -5.72
N ILE B 107 -2.30 3.36 -5.23
CA ILE B 107 -2.09 2.20 -6.06
C ILE B 107 -3.38 1.48 -6.27
N CYS B 108 -3.56 0.80 -7.41
CA CYS B 108 -4.78 0.02 -7.61
C CYS B 108 -4.68 -1.31 -6.88
N LEU B 109 -5.79 -1.86 -6.45
CA LEU B 109 -5.89 -3.21 -5.97
C LEU B 109 -5.93 -4.17 -7.15
N PRO B 110 -5.41 -5.40 -7.01
CA PRO B 110 -5.49 -6.42 -8.07
C PRO B 110 -6.94 -6.82 -8.34
N ARG B 111 -7.30 -6.73 -9.64
CA ARG B 111 -8.51 -7.21 -10.23
C ARG B 111 -8.47 -8.75 -10.23
N LYS B 112 -9.62 -9.26 -10.65
CA LYS B 112 -9.90 -10.68 -10.70
C LYS B 112 -8.85 -11.39 -11.53
N GLU B 113 -8.54 -10.83 -12.72
CA GLU B 113 -7.57 -11.47 -13.66
C GLU B 113 -6.11 -10.85 -13.64
N ALA B 114 -5.79 -10.16 -12.54
CA ALA B 114 -4.46 -9.64 -12.23
C ALA B 114 -3.39 -10.68 -12.25
N GLU B 115 -3.77 -11.94 -11.99
CA GLU B 115 -2.76 -13.00 -11.94
CA GLU B 115 -2.81 -13.04 -11.98
C GLU B 115 -2.11 -13.17 -13.31
N SER B 116 -2.81 -12.72 -14.37
CA SER B 116 -2.29 -12.73 -15.71
C SER B 116 -1.10 -11.78 -15.93
N PHE B 117 -0.91 -10.86 -14.98
CA PHE B 117 0.24 -9.95 -14.98
C PHE B 117 1.29 -10.26 -13.89
N MET B 118 1.08 -11.40 -13.21
CA MET B 118 1.88 -11.89 -12.08
C MET B 118 2.24 -13.37 -12.30
N ARG B 119 2.58 -13.70 -13.51
CA ARG B 119 3.05 -15.06 -13.79
C ARG B 119 4.54 -15.21 -13.39
N THR B 120 4.93 -16.45 -13.18
CA THR B 120 6.36 -16.74 -12.97
C THR B 120 7.23 -16.04 -14.01
N ASP B 121 8.26 -15.33 -13.56
CA ASP B 121 9.19 -14.56 -14.38
C ASP B 121 8.64 -13.17 -14.78
N ASP B 122 7.36 -12.83 -14.53
CA ASP B 122 6.89 -11.47 -14.75
C ASP B 122 7.58 -10.55 -13.75
N ILE B 123 7.90 -9.34 -14.22
CA ILE B 123 8.64 -8.37 -13.42
C ILE B 123 7.73 -7.51 -12.53
N GLY B 124 7.99 -7.54 -11.27
CA GLY B 124 7.38 -6.62 -10.32
C GLY B 124 8.41 -5.61 -9.81
N THR B 125 7.97 -4.60 -9.07
CA THR B 125 8.89 -3.54 -8.63
C THR B 125 8.68 -3.32 -7.13
N ALA B 126 9.75 -3.44 -6.37
CA ALA B 126 9.75 -3.06 -4.98
C ALA B 126 10.39 -1.64 -4.85
N SER B 127 9.83 -0.81 -3.99
CA SER B 127 10.35 0.53 -3.75
C SER B 127 10.51 0.76 -2.23
N GLY B 128 11.43 1.59 -1.80
CA GLY B 128 11.57 1.87 -0.44
C GLY B 128 12.79 2.65 -0.08
N TRP B 129 12.87 3.03 1.18
CA TRP B 129 14.00 3.73 1.74
C TRP B 129 14.89 2.86 2.63
N GLY B 130 14.64 1.53 2.56
CA GLY B 130 15.38 0.64 3.40
C GLY B 130 16.87 0.49 3.02
N LEU B 131 17.51 -0.35 3.84
CA LEU B 131 18.91 -0.64 3.75
C LEU B 131 19.33 -0.83 2.30
N THR B 132 20.43 -0.14 1.93
CA THR B 132 21.09 -0.30 0.60
C THR B 132 22.48 -0.91 0.86
N GLN B 133 23.17 -1.21 -0.25
CA GLN B 133 24.50 -1.79 -0.11
C GLN B 133 25.51 -0.70 0.44
N ARG B 134 25.21 0.61 0.53
CA ARG B 134 26.08 1.60 1.27
C ARG B 134 26.13 1.15 2.75
N GLY B 135 25.10 0.40 3.22
CA GLY B 135 25.00 -0.07 4.63
C GLY B 135 24.17 0.80 5.57
N PHE B 136 23.38 1.71 5.00
CA PHE B 136 22.57 2.68 5.74
C PHE B 136 21.17 2.64 5.04
N LEU B 137 20.21 3.26 5.73
CA LEU B 137 18.96 3.66 5.07
C LEU B 137 19.26 4.53 3.90
N ALA B 138 18.41 4.42 2.88
CA ALA B 138 18.52 5.29 1.71
C ALA B 138 18.04 6.69 2.04
N ARG B 139 18.84 7.70 1.68
CA ARG B 139 18.43 9.10 1.68
C ARG B 139 17.30 9.36 0.65
N ASN B 140 17.39 8.65 -0.47
CA ASN B 140 16.54 8.79 -1.63
C ASN B 140 15.68 7.52 -1.78
N LEU B 141 14.42 7.68 -2.17
CA LEU B 141 13.55 6.51 -2.48
C LEU B 141 14.21 5.71 -3.58
N MET B 142 14.40 4.43 -3.33
N MET B 142 14.32 4.42 -3.39
CA MET B 142 14.95 3.49 -4.31
CA MET B 142 14.86 3.59 -4.43
C MET B 142 13.89 2.55 -4.83
C MET B 142 13.91 2.50 -4.81
N TYR B 143 14.17 1.90 -5.98
CA TYR B 143 13.36 0.82 -6.49
C TYR B 143 14.22 -0.21 -7.17
N VAL B 144 13.66 -1.42 -7.31
CA VAL B 144 14.28 -2.52 -8.03
C VAL B 144 13.21 -3.30 -8.72
N ASP B 145 13.50 -3.70 -9.98
CA ASP B 145 12.65 -4.60 -10.72
C ASP B 145 13.13 -6.04 -10.54
N ILE B 146 12.19 -6.90 -10.12
CA ILE B 146 12.51 -8.30 -9.78
C ILE B 146 11.42 -9.24 -10.24
N PRO B 147 11.77 -10.45 -10.65
CA PRO B 147 10.73 -11.36 -11.17
C PRO B 147 10.00 -12.14 -10.06
N ILE B 148 8.75 -12.44 -10.33
CA ILE B 148 8.02 -13.39 -9.51
C ILE B 148 8.64 -14.77 -9.63
N VAL B 149 8.87 -15.43 -8.52
CA VAL B 149 9.52 -16.73 -8.46
C VAL B 149 8.43 -17.82 -8.42
N ASP B 150 8.64 -18.91 -9.11
CA ASP B 150 7.79 -20.07 -9.01
C ASP B 150 7.58 -20.47 -7.56
N HIS B 151 6.32 -20.68 -7.14
CA HIS B 151 6.03 -20.79 -5.71
C HIS B 151 6.70 -22.03 -5.11
N GLN B 152 6.77 -23.09 -5.87
CA GLN B 152 7.42 -24.30 -5.40
C GLN B 152 8.96 -24.14 -5.37
N LYS B 153 9.57 -23.36 -6.27
CA LYS B 153 11.01 -23.03 -6.18
CA LYS B 153 11.00 -23.13 -6.13
C LYS B 153 11.28 -22.26 -4.90
N CYS B 154 10.39 -21.30 -4.63
CA CYS B 154 10.61 -20.47 -3.45
C CYS B 154 10.49 -21.36 -2.18
N THR B 155 9.44 -22.19 -2.11
CA THR B 155 9.20 -23.07 -1.00
CA THR B 155 9.24 -23.04 -0.93
C THR B 155 10.41 -24.01 -0.79
N ALA B 156 10.91 -24.58 -1.88
CA ALA B 156 12.08 -25.44 -1.83
C ALA B 156 13.35 -24.73 -1.29
N ALA B 157 13.57 -23.48 -1.73
CA ALA B 157 14.73 -22.72 -1.23
C ALA B 157 14.69 -22.52 0.29
N TYR B 158 13.48 -22.26 0.80
CA TYR B 158 13.31 -22.03 2.24
C TYR B 158 13.08 -23.31 3.03
N GLU B 159 13.21 -24.42 2.33
CA GLU B 159 13.32 -25.75 3.01
C GLU B 159 14.76 -26.28 3.15
N LYS B 160 15.70 -25.67 2.44
CA LYS B 160 17.11 -26.10 2.41
C LYS B 160 17.74 -25.71 3.70
N PRO B 161 18.31 -26.69 4.38
CA PRO B 161 18.91 -26.38 5.63
C PRO B 161 19.92 -25.22 5.51
N PRO B 162 19.99 -24.32 6.54
CA PRO B 162 19.29 -24.42 7.79
C PRO B 162 17.98 -23.62 7.85
N TYR B 163 17.38 -23.22 6.71
CA TYR B 163 16.22 -22.37 6.84
C TYR B 163 15.09 -23.09 7.56
N PRO B 164 14.24 -22.31 8.24
CA PRO B 164 13.13 -22.93 8.99
C PRO B 164 12.03 -23.30 8.02
N ARG B 165 11.64 -24.59 8.03
CA ARG B 165 10.65 -25.12 7.12
CA ARG B 165 10.66 -25.08 7.09
C ARG B 165 9.24 -24.67 7.53
N GLY B 166 8.35 -24.65 6.61
CA GLY B 166 6.99 -24.36 6.90
C GLY B 166 6.72 -22.87 7.00
N SER B 167 7.68 -22.02 6.59
CA SER B 167 7.58 -20.55 6.67
C SER B 167 6.79 -19.94 5.50
N VAL B 168 6.86 -20.55 4.33
CA VAL B 168 6.28 -20.01 3.14
C VAL B 168 4.89 -20.65 2.94
N THR B 169 3.83 -19.83 2.90
CA THR B 169 2.46 -20.35 2.70
C THR B 169 1.92 -19.96 1.34
N ALA B 170 0.69 -20.42 1.11
CA ALA B 170 -0.06 -20.06 -0.09
C ALA B 170 -0.41 -18.54 -0.12
N ASN B 171 -0.34 -17.86 1.03
CA ASN B 171 -0.67 -16.41 1.11
C ASN B 171 0.57 -15.52 0.91
N MET B 172 1.61 -16.13 0.37
CA MET B 172 2.83 -15.42 0.10
C MET B 172 3.27 -15.65 -1.34
N LEU B 173 3.94 -14.61 -1.84
CA LEU B 173 4.67 -14.75 -3.07
C LEU B 173 6.13 -14.34 -2.87
N CYS B 174 6.98 -14.89 -3.72
CA CYS B 174 8.38 -14.60 -3.66
C CYS B 174 8.85 -13.89 -4.95
N ALA B 175 9.83 -12.98 -4.82
CA ALA B 175 10.35 -12.22 -5.96
C ALA B 175 11.78 -11.99 -5.75
N GLY B 176 12.56 -12.11 -6.81
CA GLY B 176 13.98 -11.96 -6.77
C GLY B 176 14.63 -12.98 -7.70
N LEU B 177 15.96 -12.94 -7.73
CA LEU B 177 16.77 -13.81 -8.60
C LEU B 177 17.42 -14.87 -7.80
N GLU B 178 17.58 -16.01 -8.44
CA GLU B 178 18.19 -17.12 -7.72
C GLU B 178 19.60 -16.81 -7.14
N SER B 179 20.35 -16.00 -7.88
CA SER B 179 21.72 -15.54 -7.54
C SER B 179 21.80 -14.55 -6.40
N GLY B 180 20.63 -14.05 -5.96
CA GLY B 180 20.59 -12.98 -4.99
C GLY B 180 20.89 -11.65 -5.67
N GLY B 181 21.26 -10.68 -4.84
CA GLY B 181 21.61 -9.30 -5.26
C GLY B 181 20.37 -8.43 -4.95
N LYS B 182 19.55 -8.24 -5.91
CA LYS B 182 18.41 -7.33 -5.91
C LYS B 182 17.35 -7.83 -4.89
N ASP B 183 16.93 -6.93 -4.01
CA ASP B 183 16.05 -7.38 -2.90
C ASP B 183 15.47 -6.14 -2.18
N SER B 184 14.42 -6.40 -1.40
CA SER B 184 13.92 -5.51 -0.38
C SER B 184 14.51 -5.84 0.97
N CYS B 185 14.80 -4.81 1.80
CA CYS B 185 15.64 -5.02 3.00
C CYS B 185 15.02 -4.29 4.20
N ARG B 186 15.71 -4.33 5.35
CA ARG B 186 15.20 -3.67 6.54
C ARG B 186 14.93 -2.19 6.28
N GLY B 187 13.68 -1.79 6.64
CA GLY B 187 13.23 -0.46 6.33
C GLY B 187 12.24 -0.39 5.18
N ASP B 188 12.23 -1.46 4.37
CA ASP B 188 11.29 -1.59 3.23
C ASP B 188 9.95 -2.24 3.57
N SER B 189 9.87 -2.88 4.74
CA SER B 189 8.64 -3.50 5.22
C SER B 189 7.41 -2.67 4.95
N GLY B 190 6.34 -3.30 4.48
CA GLY B 190 5.07 -2.67 4.27
C GLY B 190 4.93 -2.08 2.91
N GLY B 191 6.03 -1.89 2.15
CA GLY B 191 5.90 -1.30 0.83
C GLY B 191 5.19 -2.24 -0.14
N ALA B 192 4.59 -1.61 -1.15
CA ALA B 192 3.93 -2.35 -2.23
C ALA B 192 4.93 -2.88 -3.28
N LEU B 193 4.80 -4.20 -3.59
CA LEU B 193 5.44 -4.81 -4.74
C LEU B 193 4.42 -4.68 -5.86
N VAL B 194 4.73 -3.84 -6.87
CA VAL B 194 3.76 -3.45 -7.89
C VAL B 194 4.03 -4.03 -9.26
N PHE B 195 2.95 -4.15 -10.03
CA PHE B 195 2.96 -4.73 -11.33
C PHE B 195 2.12 -3.81 -12.27
N LEU B 196 2.47 -3.81 -13.54
CA LEU B 196 1.75 -3.09 -14.56
C LEU B 196 0.67 -3.98 -15.20
N ASP B 197 -0.57 -3.47 -15.21
CA ASP B 197 -1.63 -4.06 -16.06
C ASP B 197 -1.47 -3.42 -17.41
N SER B 198 -0.96 -4.16 -18.40
CA SER B 198 -0.60 -3.52 -19.66
C SER B 198 -1.87 -3.23 -20.52
N GLU B 199 -3.03 -3.74 -20.14
CA GLU B 199 -4.29 -3.48 -20.85
C GLU B 199 -4.73 -2.07 -20.43
N THR B 200 -4.74 -1.79 -19.12
CA THR B 200 -5.14 -0.43 -18.65
C THR B 200 -4.01 0.60 -18.57
N GLU B 201 -2.77 0.15 -18.58
CA GLU B 201 -1.56 0.89 -18.33
C GLU B 201 -1.54 1.55 -16.97
N ARG B 202 -2.17 0.87 -16.01
CA ARG B 202 -2.19 1.28 -14.62
C ARG B 202 -1.55 0.21 -13.75
N TRP B 203 -0.83 0.69 -12.73
CA TRP B 203 -0.14 -0.08 -11.79
C TRP B 203 -1.05 -0.57 -10.63
N PHE B 204 -0.82 -1.83 -10.19
CA PHE B 204 -1.51 -2.44 -9.08
C PHE B 204 -0.51 -3.06 -8.11
N VAL B 205 -0.98 -3.28 -6.87
CA VAL B 205 -0.20 -3.96 -5.83
C VAL B 205 -0.40 -5.46 -5.82
N GLY B 206 0.68 -6.22 -6.07
CA GLY B 206 0.59 -7.70 -5.98
C GLY B 206 1.11 -8.21 -4.66
N GLY B 207 2.06 -7.54 -4.04
CA GLY B 207 2.71 -7.99 -2.81
C GLY B 207 2.91 -6.91 -1.81
N ILE B 208 3.13 -7.25 -0.53
CA ILE B 208 3.58 -6.33 0.53
C ILE B 208 4.91 -6.87 1.04
N VAL B 209 5.92 -5.99 1.14
CA VAL B 209 7.19 -6.42 1.64
C VAL B 209 6.98 -6.98 3.04
N SER B 210 7.42 -8.22 3.26
CA SER B 210 7.12 -8.94 4.52
C SER B 210 8.39 -9.48 5.24
N TRP B 211 9.11 -10.42 4.62
CA TRP B 211 10.23 -11.11 5.27
C TRP B 211 11.18 -11.75 4.24
N GLY B 212 12.34 -12.21 4.76
CA GLY B 212 13.33 -12.90 4.02
C GLY B 212 14.44 -13.30 4.95
N SER B 213 15.54 -13.76 4.35
CA SER B 213 16.70 -13.98 5.18
C SER B 213 17.06 -12.76 5.99
N MET B 214 17.63 -13.01 7.14
CA MET B 214 18.20 -11.88 7.92
C MET B 214 19.20 -11.05 7.10
N ASN B 215 19.84 -11.71 6.12
CA ASN B 215 20.83 -11.04 5.28
C ASN B 215 20.23 -10.77 3.90
N CYS B 216 19.93 -9.50 3.63
CA CYS B 216 19.16 -9.29 2.37
CA CYS B 216 19.29 -9.07 2.43
C CYS B 216 20.10 -9.45 1.19
N GLY B 217 19.47 -9.81 0.06
CA GLY B 217 20.15 -10.05 -1.17
C GLY B 217 21.04 -11.28 -1.22
N GLU B 218 20.93 -12.14 -0.22
CA GLU B 218 21.71 -13.37 -0.16
CA GLU B 218 21.83 -13.30 -0.27
C GLU B 218 21.26 -14.32 -1.29
N ALA B 219 22.20 -15.04 -1.94
CA ALA B 219 21.86 -16.13 -2.87
C ALA B 219 21.17 -17.24 -2.00
N GLY B 220 20.28 -17.99 -2.62
CA GLY B 220 19.60 -19.15 -2.00
C GLY B 220 18.36 -18.77 -1.22
N GLN B 221 17.98 -17.52 -1.23
CA GLN B 221 16.75 -17.09 -0.67
C GLN B 221 16.15 -16.03 -1.59
N TYR B 222 14.91 -15.65 -1.31
CA TYR B 222 14.13 -14.63 -2.12
C TYR B 222 13.35 -13.79 -1.15
N GLY B 223 13.06 -12.55 -1.51
CA GLY B 223 12.21 -11.75 -0.71
C GLY B 223 10.83 -12.45 -0.74
N VAL B 224 10.13 -12.37 0.38
CA VAL B 224 8.80 -12.92 0.54
C VAL B 224 7.83 -11.80 0.81
N TYR B 225 6.69 -11.83 0.14
CA TYR B 225 5.79 -10.73 0.10
C TYR B 225 4.38 -11.28 0.40
N THR B 226 3.53 -10.57 1.15
CA THR B 226 2.12 -11.03 1.28
C THR B 226 1.40 -10.94 -0.06
N LYS B 227 0.66 -12.00 -0.40
CA LYS B 227 0.02 -12.14 -1.67
C LYS B 227 -1.35 -11.45 -1.56
N VAL B 228 -1.37 -10.20 -2.04
CA VAL B 228 -2.51 -9.36 -1.84
C VAL B 228 -3.79 -9.86 -2.49
N ILE B 229 -3.71 -10.49 -3.67
CA ILE B 229 -4.92 -11.01 -4.30
C ILE B 229 -5.70 -12.01 -3.45
N ASN B 230 -5.04 -12.62 -2.45
CA ASN B 230 -5.76 -13.51 -1.57
C ASN B 230 -6.58 -12.82 -0.48
N TYR B 231 -6.47 -11.49 -0.37
CA TYR B 231 -7.06 -10.69 0.69
C TYR B 231 -8.13 -9.71 0.22
N ILE B 232 -8.52 -9.80 -1.05
CA ILE B 232 -9.43 -8.79 -1.59
C ILE B 232 -10.76 -8.75 -0.82
N PRO B 233 -11.39 -9.90 -0.48
CA PRO B 233 -12.61 -9.76 0.31
C PRO B 233 -12.39 -9.15 1.68
N TRP B 234 -11.28 -9.54 2.35
CA TRP B 234 -10.94 -8.94 3.65
C TRP B 234 -10.78 -7.41 3.55
N ILE B 235 -10.05 -6.96 2.52
CA ILE B 235 -9.80 -5.52 2.32
C ILE B 235 -11.13 -4.80 2.12
N GLU B 236 -11.90 -5.35 1.17
CA GLU B 236 -13.18 -4.75 0.85
C GLU B 236 -14.11 -4.66 2.05
N ASN B 237 -14.19 -5.73 2.81
CA ASN B 237 -15.08 -5.77 4.02
C ASN B 237 -14.61 -4.77 5.12
N ILE B 238 -13.28 -4.55 5.23
CA ILE B 238 -12.77 -3.59 6.21
C ILE B 238 -13.18 -2.18 5.72
N ILE B 239 -13.01 -1.86 4.44
CA ILE B 239 -13.20 -0.48 3.94
C ILE B 239 -14.73 -0.16 3.83
N SER B 240 -15.55 -1.21 3.80
CA SER B 240 -17.05 -1.10 3.97
C SER B 240 -17.59 -1.03 5.38
N ASP B 241 -17.22 -2.03 6.19
CA ASP B 241 -17.61 -2.11 7.58
C ASP B 241 -17.26 -0.83 8.35
N PHE B 242 -16.38 0.02 7.78
CA PHE B 242 -15.75 1.06 8.57
C PHE B 242 -16.79 1.99 9.29
N GLU C 4 25.27 -13.64 12.20
CA GLU C 4 25.19 -12.66 13.08
C GLU C 4 24.05 -12.82 14.12
N VAL C 5 23.72 -14.07 14.48
CA VAL C 5 22.56 -14.38 15.34
C VAL C 5 22.72 -15.79 15.99
N THR C 6 22.19 -15.95 17.20
CA THR C 6 22.14 -17.22 17.92
C THR C 6 20.74 -17.32 18.49
N CYS C 7 20.10 -18.48 18.32
CA CYS C 7 18.66 -18.66 18.65
C CYS C 7 18.31 -20.14 18.79
N GLU C 8 17.09 -20.41 19.27
CA GLU C 8 16.55 -21.78 19.43
CA GLU C 8 16.53 -21.75 19.45
C GLU C 8 15.81 -22.30 18.18
N PRO C 9 16.32 -23.43 17.56
CA PRO C 9 15.71 -24.00 16.35
C PRO C 9 14.18 -24.09 16.32
N GLY C 10 13.57 -23.59 15.23
CA GLY C 10 12.10 -23.52 14.96
C GLY C 10 11.23 -22.43 15.60
N THR C 11 11.75 -21.82 16.66
CA THR C 11 10.95 -20.86 17.39
C THR C 11 10.86 -19.54 16.62
N THR C 12 9.82 -18.78 16.93
CA THR C 12 9.62 -17.41 16.51
C THR C 12 10.11 -16.58 17.68
N PHE C 13 10.98 -15.62 17.39
CA PHE C 13 11.60 -14.84 18.43
C PHE C 13 11.82 -13.41 17.93
N LYS C 14 12.03 -12.46 18.84
CA LYS C 14 12.29 -11.09 18.47
C LYS C 14 13.80 -10.81 18.42
N ASP C 15 14.16 -10.15 17.34
CA ASP C 15 15.47 -9.57 17.11
C ASP C 15 15.19 -8.06 17.11
N LYS C 16 15.39 -7.50 18.27
CA LYS C 16 14.98 -6.13 18.56
CA LYS C 16 14.99 -6.13 18.54
C LYS C 16 13.55 -5.92 18.07
N CYS C 17 13.36 -5.12 17.03
CA CYS C 17 12.00 -4.77 16.58
C CYS C 17 11.43 -5.71 15.54
N ASN C 18 12.25 -6.65 15.06
CA ASN C 18 11.83 -7.59 14.06
C ASN C 18 11.45 -8.95 14.65
N THR C 19 10.58 -9.63 13.94
CA THR C 19 10.18 -10.99 14.24
C THR C 19 10.89 -11.93 13.31
N CYS C 20 11.42 -12.96 13.87
CA CYS C 20 12.24 -13.95 13.16
C CYS C 20 11.79 -15.35 13.49
N ARG C 21 12.10 -16.31 12.61
CA ARG C 21 11.97 -17.71 12.88
C ARG C 21 13.38 -18.27 12.80
N CYS C 22 13.75 -19.05 13.84
CA CYS C 22 15.11 -19.52 13.89
C CYS C 22 15.35 -20.76 13.02
N GLY C 23 16.51 -20.78 12.38
CA GLY C 23 16.96 -21.90 11.58
C GLY C 23 17.33 -23.11 12.38
N SER C 24 17.45 -24.24 11.65
CA SER C 24 17.68 -25.53 12.29
C SER C 24 19.09 -25.67 12.94
N ASP C 25 20.01 -24.74 12.62
CA ASP C 25 21.38 -24.68 13.19
C ASP C 25 21.49 -23.80 14.44
N GLY C 26 20.42 -23.09 14.81
CA GLY C 26 20.49 -22.06 15.87
C GLY C 26 21.44 -20.88 15.64
N LYS C 27 21.89 -20.66 14.40
CA LYS C 27 22.91 -19.59 14.06
C LYS C 27 22.45 -18.80 12.84
N SER C 28 21.12 -18.84 12.56
CA SER C 28 20.56 -18.20 11.39
C SER C 28 19.10 -17.96 11.66
N ALA C 29 18.50 -17.06 10.87
CA ALA C 29 17.09 -16.80 10.98
C ALA C 29 16.58 -16.12 9.69
N VAL C 30 15.27 -16.16 9.56
CA VAL C 30 14.58 -15.40 8.61
C VAL C 30 13.74 -14.42 9.37
N CYS C 31 13.62 -13.19 8.91
CA CYS C 31 13.07 -12.11 9.72
C CYS C 31 12.25 -11.18 8.85
N THR C 32 11.40 -10.45 9.54
CA THR C 32 10.74 -9.29 8.99
C THR C 32 11.70 -8.13 8.63
N LYS C 33 11.23 -7.14 7.86
CA LYS C 33 12.06 -6.11 7.22
C LYS C 33 11.75 -4.69 7.74
N LEU C 34 11.65 -4.57 9.08
CA LEU C 34 11.65 -3.27 9.70
C LEU C 34 13.09 -2.82 9.94
N TRP C 35 13.28 -1.50 9.88
CA TRP C 35 14.52 -0.86 10.30
C TRP C 35 14.30 -0.39 11.74
N CYS C 36 15.03 -0.97 12.69
CA CYS C 36 14.85 -0.64 14.08
C CYS C 36 15.69 0.63 14.34
N ASN C 37 15.05 1.73 14.66
CA ASN C 37 15.71 2.99 14.77
C ASN C 37 16.72 2.93 15.95
N GLN C 38 16.37 2.05 16.90
N GLN C 38 16.52 2.08 16.95
CA GLN C 38 17.14 1.56 18.05
CA GLN C 38 17.60 1.75 17.90
C GLN C 38 17.49 0.09 17.81
C GLN C 38 17.66 0.23 18.11
S SO4 D . 21.38 6.97 -0.80
O1 SO4 D . 21.59 5.47 -0.92
O2 SO4 D . 19.83 7.21 -1.25
O3 SO4 D . 21.57 7.25 0.62
O4 SO4 D . 22.43 7.69 -1.49
#